data_3K22
#
_entry.id   3K22
#
_cell.length_a   127.597
_cell.length_b   127.597
_cell.length_c   78.230
_cell.angle_alpha   90.000
_cell.angle_beta   90.000
_cell.angle_gamma   120.000
#
_symmetry.space_group_name_H-M   'P 61'
#
loop_
_entity.id
_entity.type
_entity.pdbx_description
1 polymer 'Glucocorticoid receptor'
2 polymer 'Transcriptional Intermediary Factor 2'
3 non-polymer N-[(1R)-2-amino-1-methyl-2-oxoethyl]-3-(6-methyl-4-{[3,3,3-trifluoro-2-hydroxy-2-(trifluoromethyl)propyl]amino}-1H-indazol-1-yl)benzamide
4 non-polymer 'hexyl beta-D-glucopyranoside'
5 water water
#
loop_
_entity_poly.entity_id
_entity_poly.type
_entity_poly.pdbx_seq_one_letter_code
_entity_poly.pdbx_strand_id
1 'polypeptide(L)'
;GSVPATLPQLTPTLVSLLEVIEPEVLYAGYDSSVPDSTWRIMTTLNMLGGRQVIAAVKWAKAIPGFRNLHLDDQMTLLQY
SWMYLMAFALGWRSYRQSSANLLCFAPDLIINEQRMTLPGMYDQCKHMLYVSSELHRLQVSYEEYLCMKTLLLLSSVPKD
GLKSQELFDEIRMTYIKELGKAIVKREGNSSQNWQRFYQLTKLLDSMHEVVENLLNYCFQTFLDKTMSIEFPEMLAEIIT
NQIPKYSNGNIKKLLFHQK
;
A,B
2 'polypeptide(L)' KENALLRYLLDK H,D
#
# COMPACT_ATOMS: atom_id res chain seq x y z
N PRO A 8 22.32 4.28 -0.64
CA PRO A 8 22.56 3.89 -2.03
C PRO A 8 21.65 4.61 -3.03
N GLN A 9 20.33 4.38 -2.92
CA GLN A 9 19.35 5.01 -3.81
C GLN A 9 18.21 5.58 -2.98
N LEU A 10 18.14 6.91 -2.92
CA LEU A 10 17.07 7.64 -2.24
C LEU A 10 15.96 8.07 -3.19
N THR A 11 16.20 7.95 -4.50
CA THR A 11 15.14 8.18 -5.49
C THR A 11 14.52 6.83 -5.88
N PRO A 12 13.20 6.79 -6.10
CA PRO A 12 12.54 5.50 -6.32
C PRO A 12 12.75 4.93 -7.71
N THR A 13 13.08 3.65 -7.77
CA THR A 13 13.03 2.91 -9.03
C THR A 13 11.58 2.62 -9.36
N LEU A 14 11.33 2.12 -10.57
CA LEU A 14 9.99 1.78 -11.00
C LEU A 14 9.53 0.48 -10.33
N VAL A 15 10.43 -0.49 -10.20
CA VAL A 15 10.09 -1.78 -9.57
C VAL A 15 9.76 -1.62 -8.09
N SER A 16 10.44 -0.71 -7.41
CA SER A 16 10.21 -0.50 -5.98
C SER A 16 8.81 0.09 -5.72
N LEU A 17 8.30 0.84 -6.69
CA LEU A 17 6.94 1.36 -6.63
C LEU A 17 5.92 0.26 -6.93
N LEU A 18 6.15 -0.50 -7.99
CA LEU A 18 5.33 -1.69 -8.29
C LEU A 18 5.19 -2.62 -7.09
N GLU A 19 6.20 -2.64 -6.21
CA GLU A 19 6.19 -3.46 -5.01
C GLU A 19 5.22 -2.93 -3.98
N VAL A 20 5.28 -1.63 -3.70
CA VAL A 20 4.40 -1.03 -2.70
C VAL A 20 2.93 -1.02 -3.13
N ILE A 21 2.64 -0.93 -4.44
CA ILE A 21 1.27 -0.93 -4.94
C ILE A 21 0.68 -2.34 -5.17
N GLU A 22 1.49 -3.39 -4.95
CA GLU A 22 1.02 -4.77 -5.13
C GLU A 22 -0.13 -5.05 -4.18
N PRO A 23 -1.29 -5.45 -4.71
CA PRO A 23 -2.50 -5.63 -3.90
C PRO A 23 -2.35 -6.60 -2.72
N GLU A 24 -3.08 -6.31 -1.64
CA GLU A 24 -3.16 -7.22 -0.49
C GLU A 24 -3.76 -8.56 -0.91
N VAL A 25 -3.29 -9.64 -0.28
CA VAL A 25 -3.87 -10.96 -0.52
C VAL A 25 -5.25 -11.00 0.16
N LEU A 26 -6.29 -11.36 -0.61
CA LEU A 26 -7.67 -11.36 -0.11
C LEU A 26 -8.13 -12.76 0.32
N TYR A 27 -9.16 -12.77 1.17
CA TYR A 27 -9.73 -14.00 1.70
C TYR A 27 -11.01 -14.39 0.96
N ALA A 28 -11.22 -15.70 0.84
CA ALA A 28 -12.38 -16.23 0.15
C ALA A 28 -13.61 -16.20 1.03
N GLY A 29 -13.40 -16.25 2.35
CA GLY A 29 -14.49 -16.49 3.29
C GLY A 29 -15.13 -17.84 2.99
N TYR A 30 -14.31 -18.88 2.92
CA TYR A 30 -14.77 -20.22 2.62
C TYR A 30 -14.82 -21.03 3.91
N ASP A 31 -15.99 -21.56 4.24
CA ASP A 31 -16.15 -22.39 5.44
C ASP A 31 -15.75 -23.84 5.19
N SER A 32 -14.60 -24.25 5.74
CA SER A 32 -14.10 -25.61 5.57
C SER A 32 -14.94 -26.67 6.29
N SER A 33 -15.32 -26.40 7.54
CA SER A 33 -16.08 -27.37 8.33
C SER A 33 -17.15 -28.08 7.47
N VAL A 34 -18.07 -27.32 6.89
CA VAL A 34 -19.05 -27.87 5.93
C VAL A 34 -18.32 -28.60 4.78
N PRO A 35 -18.82 -29.78 4.37
CA PRO A 35 -18.19 -30.55 3.29
C PRO A 35 -17.99 -29.76 2.00
N ASP A 36 -16.85 -29.99 1.33
CA ASP A 36 -16.57 -29.33 0.05
C ASP A 36 -17.62 -29.68 -0.98
N SER A 37 -17.65 -28.87 -2.03
CA SER A 37 -18.58 -29.05 -3.14
C SER A 37 -18.07 -28.19 -4.31
N THR A 38 -18.27 -28.64 -5.54
CA THR A 38 -17.81 -27.89 -6.71
C THR A 38 -18.64 -26.62 -6.87
N TRP A 39 -19.96 -26.73 -6.83
CA TRP A 39 -20.84 -25.57 -6.86
C TRP A 39 -20.41 -24.54 -5.83
N ARG A 40 -20.12 -25.00 -4.62
CA ARG A 40 -19.75 -24.12 -3.51
C ARG A 40 -18.43 -23.39 -3.79
N ILE A 41 -17.47 -24.11 -4.39
CA ILE A 41 -16.20 -23.50 -4.79
C ILE A 41 -16.38 -22.56 -5.99
N MET A 42 -17.14 -23.00 -6.99
CA MET A 42 -17.46 -22.18 -8.14
C MET A 42 -17.99 -20.81 -7.71
N THR A 43 -18.96 -20.83 -6.79
CA THR A 43 -19.61 -19.60 -6.33
C THR A 43 -18.62 -18.70 -5.57
N THR A 44 -17.81 -19.30 -4.69
CA THR A 44 -16.83 -18.53 -3.92
C THR A 44 -15.80 -17.83 -4.82
N LEU A 45 -15.33 -18.56 -5.83
CA LEU A 45 -14.27 -18.07 -6.72
C LEU A 45 -14.78 -16.98 -7.65
N ASN A 46 -16.04 -17.06 -8.04
CA ASN A 46 -16.70 -15.97 -8.75
C ASN A 46 -16.70 -14.70 -7.91
N MET A 47 -17.08 -14.84 -6.64
CA MET A 47 -17.13 -13.69 -5.74
C MET A 47 -15.75 -13.13 -5.45
N LEU A 48 -14.81 -14.01 -5.13
CA LEU A 48 -13.44 -13.59 -4.88
C LEU A 48 -12.86 -12.89 -6.10
N GLY A 49 -13.17 -13.44 -7.27
CA GLY A 49 -12.72 -12.91 -8.55
C GLY A 49 -13.17 -11.49 -8.77
N GLY A 50 -14.39 -11.18 -8.33
CA GLY A 50 -14.93 -9.84 -8.41
C GLY A 50 -14.15 -8.87 -7.54
N ARG A 51 -13.84 -9.27 -6.32
CA ARG A 51 -13.17 -8.38 -5.38
C ARG A 51 -11.70 -8.12 -5.76
N GLN A 52 -11.12 -9.06 -6.48
CA GLN A 52 -9.73 -8.92 -6.87
C GLN A 52 -9.54 -8.13 -8.14
N VAL A 53 -10.53 -8.18 -9.02
CA VAL A 53 -10.57 -7.29 -10.17
C VAL A 53 -10.71 -5.84 -9.72
N ILE A 54 -11.50 -5.63 -8.65
CA ILE A 54 -11.61 -4.31 -8.03
C ILE A 54 -10.27 -3.91 -7.46
N ALA A 55 -9.60 -4.85 -6.81
CA ALA A 55 -8.25 -4.62 -6.30
C ALA A 55 -7.30 -4.26 -7.44
N ALA A 56 -7.45 -4.93 -8.58
CA ALA A 56 -6.62 -4.70 -9.75
C ALA A 56 -6.82 -3.31 -10.33
N VAL A 57 -8.05 -2.80 -10.29
CA VAL A 57 -8.33 -1.43 -10.77
C VAL A 57 -7.52 -0.42 -9.96
N LYS A 58 -7.70 -0.47 -8.65
CA LYS A 58 -6.90 0.35 -7.71
C LYS A 58 -5.40 0.26 -8.04
N TRP A 59 -4.92 -0.96 -8.22
CA TRP A 59 -3.52 -1.21 -8.56
C TRP A 59 -3.13 -0.54 -9.88
N ALA A 60 -3.94 -0.77 -10.91
CA ALA A 60 -3.68 -0.20 -12.23
C ALA A 60 -3.53 1.32 -12.18
N LYS A 61 -4.42 1.99 -11.44
CA LYS A 61 -4.33 3.45 -11.27
C LYS A 61 -2.97 3.91 -10.77
N ALA A 62 -2.38 3.16 -9.85
CA ALA A 62 -1.14 3.57 -9.20
C ALA A 62 0.11 3.19 -10.01
N ILE A 63 -0.08 2.44 -11.10
CA ILE A 63 1.02 2.13 -12.01
C ILE A 63 1.43 3.42 -12.74
N PRO A 64 2.69 3.87 -12.56
CA PRO A 64 3.14 5.11 -13.20
C PRO A 64 2.92 5.08 -14.71
N GLY A 65 2.27 6.12 -15.22
CA GLY A 65 1.95 6.21 -16.64
C GLY A 65 0.51 5.85 -16.97
N PHE A 66 -0.08 4.92 -16.21
CA PHE A 66 -1.40 4.38 -16.53
C PHE A 66 -2.52 5.44 -16.44
N ARG A 67 -2.50 6.23 -15.37
CA ARG A 67 -3.47 7.34 -15.18
C ARG A 67 -3.50 8.33 -16.35
N ASN A 68 -2.33 8.59 -16.93
CA ASN A 68 -2.20 9.54 -18.03
C ASN A 68 -2.80 9.07 -19.35
N LEU A 69 -3.10 7.78 -19.46
CA LEU A 69 -3.82 7.27 -20.63
C LEU A 69 -5.24 7.81 -20.59
N HIS A 70 -5.93 7.75 -21.73
CA HIS A 70 -7.32 8.15 -21.78
C HIS A 70 -8.16 7.17 -20.97
N LEU A 71 -9.27 7.65 -20.39
CA LEU A 71 -10.10 6.81 -19.52
C LEU A 71 -10.63 5.59 -20.29
N ASP A 72 -11.12 5.79 -21.50
CA ASP A 72 -11.60 4.67 -22.33
C ASP A 72 -10.51 3.64 -22.60
N ASP A 73 -9.26 4.09 -22.64
CA ASP A 73 -8.12 3.18 -22.73
C ASP A 73 -7.90 2.42 -21.42
N GLN A 74 -7.86 3.16 -20.30
CA GLN A 74 -7.73 2.55 -18.99
C GLN A 74 -8.81 1.48 -18.74
N MET A 75 -10.01 1.73 -19.24
CA MET A 75 -11.11 0.78 -19.09
C MET A 75 -10.94 -0.45 -19.98
N THR A 76 -10.55 -0.21 -21.23
CA THR A 76 -10.31 -1.28 -22.21
C THR A 76 -9.24 -2.28 -21.74
N LEU A 77 -8.15 -1.76 -21.17
CA LEU A 77 -7.04 -2.59 -20.74
C LEU A 77 -7.41 -3.51 -19.58
N LEU A 78 -8.21 -3.01 -18.65
CA LEU A 78 -8.73 -3.85 -17.56
C LEU A 78 -9.81 -4.82 -18.05
N GLN A 79 -10.60 -4.41 -19.02
CA GLN A 79 -11.61 -5.29 -19.60
C GLN A 79 -10.96 -6.46 -20.32
N TYR A 80 -9.85 -6.19 -21.00
CA TYR A 80 -9.12 -7.24 -21.74
C TYR A 80 -8.27 -8.10 -20.82
N SER A 81 -7.62 -7.50 -19.84
CA SER A 81 -6.56 -8.16 -19.13
C SER A 81 -6.91 -8.82 -17.78
N TRP A 82 -8.13 -8.66 -17.28
CA TRP A 82 -8.41 -9.06 -15.89
C TRP A 82 -8.06 -10.53 -15.59
N MET A 83 -8.40 -11.43 -16.51
CA MET A 83 -8.12 -12.87 -16.31
C MET A 83 -6.63 -13.18 -16.41
N TYR A 84 -5.91 -12.45 -17.27
CA TYR A 84 -4.45 -12.53 -17.35
C TYR A 84 -3.82 -12.24 -16.00
N LEU A 85 -4.30 -11.18 -15.34
CA LEU A 85 -3.75 -10.76 -14.05
C LEU A 85 -4.09 -11.78 -12.96
N MET A 86 -5.33 -12.24 -12.94
CA MET A 86 -5.75 -13.24 -11.96
C MET A 86 -5.00 -14.56 -12.16
N ALA A 87 -4.95 -15.04 -13.40
CA ALA A 87 -4.17 -16.24 -13.73
C ALA A 87 -2.71 -16.15 -13.29
N PHE A 88 -2.09 -14.99 -13.53
CA PHE A 88 -0.65 -14.85 -13.24
C PHE A 88 -0.39 -14.71 -11.73
N ALA A 89 -1.25 -13.97 -11.04
CA ALA A 89 -1.12 -13.77 -9.59
C ALA A 89 -1.41 -15.06 -8.85
N LEU A 90 -2.34 -15.86 -9.38
CA LEU A 90 -2.69 -17.15 -8.82
C LEU A 90 -1.52 -18.13 -8.99
N GLY A 91 -0.94 -18.14 -10.19
CA GLY A 91 0.25 -18.94 -10.45
C GLY A 91 1.37 -18.58 -9.50
N TRP A 92 1.59 -17.29 -9.30
CA TRP A 92 2.66 -16.82 -8.43
C TRP A 92 2.44 -17.30 -7.01
N ARG A 93 1.27 -17.02 -6.43
CA ARG A 93 1.01 -17.40 -5.04
C ARG A 93 1.11 -18.90 -4.82
N SER A 94 0.67 -19.68 -5.80
CA SER A 94 0.74 -21.13 -5.72
C SER A 94 2.18 -21.59 -5.71
N TYR A 95 2.98 -21.06 -6.62
CA TYR A 95 4.42 -21.33 -6.67
C TYR A 95 5.11 -20.94 -5.36
N ARG A 96 4.62 -19.88 -4.72
CA ARG A 96 5.22 -19.35 -3.48
C ARG A 96 4.83 -20.08 -2.18
N GLN A 97 3.63 -20.67 -2.12
CA GLN A 97 3.20 -21.37 -0.90
C GLN A 97 3.53 -22.87 -0.92
N SER A 98 3.81 -23.43 -2.09
CA SER A 98 4.43 -24.76 -2.18
C SER A 98 5.00 -25.05 -3.58
N ALA A 100 3.97 -28.40 -3.86
CA ALA A 100 3.21 -29.37 -4.67
C ALA A 100 2.41 -28.67 -5.77
N ASN A 101 1.68 -29.45 -6.58
CA ASN A 101 0.76 -28.91 -7.60
C ASN A 101 -0.57 -28.48 -6.95
N LEU A 102 -0.56 -27.35 -6.26
CA LEU A 102 -1.74 -26.85 -5.55
C LEU A 102 -1.99 -25.38 -5.87
N LEU A 103 -3.22 -25.06 -6.30
CA LEU A 103 -3.61 -23.68 -6.54
C LEU A 103 -4.03 -22.98 -5.24
N CYS A 104 -3.36 -21.90 -4.89
CA CYS A 104 -3.64 -21.14 -3.67
C CYS A 104 -4.45 -19.88 -3.96
N PHE A 105 -5.77 -20.02 -4.07
CA PHE A 105 -6.64 -18.90 -4.36
C PHE A 105 -6.65 -17.88 -3.24
N ALA A 106 -6.63 -18.36 -2.01
CA ALA A 106 -6.52 -17.48 -0.84
C ALA A 106 -6.06 -18.34 0.32
N PRO A 107 -5.66 -17.71 1.44
CA PRO A 107 -5.25 -18.51 2.63
C PRO A 107 -6.31 -19.53 3.03
N ASP A 108 -7.57 -19.12 3.06
CA ASP A 108 -8.66 -19.99 3.50
C ASP A 108 -9.29 -20.80 2.37
N LEU A 109 -8.63 -20.88 1.22
CA LEU A 109 -9.18 -21.68 0.10
C LEU A 109 -8.07 -22.15 -0.84
N ILE A 110 -7.51 -23.33 -0.53
CA ILE A 110 -6.47 -23.95 -1.34
C ILE A 110 -7.05 -25.17 -2.04
N ILE A 111 -6.88 -25.27 -3.35
CA ILE A 111 -7.29 -26.47 -4.05
C ILE A 111 -6.22 -27.54 -3.81
N ASN A 112 -6.38 -28.25 -2.70
CA ASN A 112 -5.48 -29.35 -2.32
C ASN A 112 -5.72 -30.59 -3.17
N GLU A 113 -4.86 -31.58 -2.98
CA GLU A 113 -4.90 -32.85 -3.71
C GLU A 113 -6.30 -33.49 -3.70
N GLN A 114 -6.95 -33.45 -2.52
CA GLN A 114 -8.30 -33.97 -2.38
C GLN A 114 -9.29 -33.20 -3.25
N ARG A 115 -9.35 -31.88 -3.03
CA ARG A 115 -10.21 -30.98 -3.81
C ARG A 115 -9.94 -31.05 -5.31
N MET A 116 -8.71 -31.37 -5.68
CA MET A 116 -8.31 -31.45 -7.09
C MET A 116 -9.08 -32.53 -7.87
N THR A 117 -9.47 -33.60 -7.17
CA THR A 117 -10.24 -34.69 -7.78
C THR A 117 -11.76 -34.48 -7.76
N LEU A 118 -12.23 -33.35 -7.22
CA LEU A 118 -13.66 -33.00 -7.30
C LEU A 118 -14.06 -32.86 -8.78
N PRO A 119 -15.35 -33.11 -9.08
CA PRO A 119 -15.77 -33.16 -10.49
C PRO A 119 -15.62 -31.82 -11.21
N GLY A 120 -15.04 -31.86 -12.41
CA GLY A 120 -14.81 -30.67 -13.22
C GLY A 120 -13.62 -29.83 -12.81
N MET A 121 -13.06 -30.09 -11.63
CA MET A 121 -12.04 -29.22 -11.05
C MET A 121 -10.76 -29.21 -11.86
N TYR A 122 -10.20 -30.38 -12.10
CA TYR A 122 -8.93 -30.49 -12.83
C TYR A 122 -9.03 -29.98 -14.26
N ASP A 123 -10.18 -30.16 -14.89
CA ASP A 123 -10.33 -29.74 -16.29
C ASP A 123 -10.08 -28.24 -16.44
N GLN A 124 -10.39 -27.45 -15.42
CA GLN A 124 -10.13 -26.02 -15.45
C GLN A 124 -8.82 -25.65 -14.77
N CYS A 125 -8.52 -26.31 -13.65
CA CYS A 125 -7.33 -25.97 -12.87
C CYS A 125 -6.02 -26.29 -13.58
N LYS A 126 -6.05 -27.23 -14.52
CA LYS A 126 -4.82 -27.60 -15.23
C LYS A 126 -4.15 -26.40 -15.92
N HIS A 127 -4.96 -25.47 -16.40
CA HIS A 127 -4.46 -24.28 -17.08
C HIS A 127 -3.71 -23.36 -16.12
N MET A 128 -4.24 -23.23 -14.92
CA MET A 128 -3.64 -22.36 -13.92
C MET A 128 -2.42 -23.05 -13.32
N LEU A 129 -2.47 -24.39 -13.24
CA LEU A 129 -1.34 -25.18 -12.73
C LEU A 129 -0.14 -25.11 -13.66
N TYR A 130 -0.40 -25.00 -14.96
CA TYR A 130 0.65 -24.78 -15.95
C TYR A 130 1.43 -23.52 -15.61
N VAL A 131 0.71 -22.43 -15.33
CA VAL A 131 1.33 -21.16 -14.98
C VAL A 131 2.19 -21.34 -13.73
N SER A 132 1.65 -22.08 -12.77
CA SER A 132 2.36 -22.37 -11.52
C SER A 132 3.69 -23.12 -11.75
N SER A 133 3.65 -24.17 -12.58
CA SER A 133 4.85 -24.97 -12.81
C SER A 133 5.90 -24.19 -13.59
N GLU A 134 5.46 -23.37 -14.54
CA GLU A 134 6.38 -22.54 -15.33
C GLU A 134 7.14 -21.55 -14.46
N LEU A 135 6.47 -20.96 -13.49
CA LEU A 135 7.13 -20.04 -12.57
C LEU A 135 8.14 -20.81 -11.71
N HIS A 136 7.83 -22.05 -11.37
CA HIS A 136 8.74 -22.91 -10.61
C HIS A 136 9.94 -23.30 -11.43
N ARG A 137 9.69 -23.83 -12.63
CA ARG A 137 10.76 -24.22 -13.56
C ARG A 137 11.77 -23.09 -13.77
N LEU A 138 11.25 -21.88 -14.01
CA LEU A 138 12.08 -20.73 -14.31
C LEU A 138 12.64 -20.01 -13.06
N GLN A 139 12.14 -20.35 -11.88
CA GLN A 139 12.57 -19.70 -10.64
C GLN A 139 12.47 -18.18 -10.77
N VAL A 140 11.29 -17.72 -11.17
CA VAL A 140 11.02 -16.30 -11.37
C VAL A 140 11.14 -15.59 -10.05
N SER A 141 11.88 -14.48 -10.01
CA SER A 141 12.01 -13.70 -8.79
C SER A 141 10.81 -12.77 -8.62
N TYR A 142 10.72 -12.13 -7.46
CA TYR A 142 9.59 -11.25 -7.14
C TYR A 142 9.54 -10.00 -8.03
N GLU A 143 10.68 -9.32 -8.17
CA GLU A 143 10.75 -8.16 -9.06
C GLU A 143 10.44 -8.53 -10.53
N GLU A 144 10.91 -9.69 -10.98
CA GLU A 144 10.55 -10.20 -12.31
C GLU A 144 9.04 -10.39 -12.42
N TYR A 145 8.46 -10.97 -11.39
CA TYR A 145 7.02 -11.18 -11.34
C TYR A 145 6.23 -9.88 -11.44
N LEU A 146 6.67 -8.86 -10.73
CA LEU A 146 5.96 -7.58 -10.71
C LEU A 146 5.99 -6.89 -12.08
N CYS A 147 7.14 -6.95 -12.75
CA CYS A 147 7.25 -6.42 -14.12
C CYS A 147 6.40 -7.21 -15.10
N MET A 148 6.36 -8.53 -14.90
CA MET A 148 5.59 -9.40 -15.78
C MET A 148 4.07 -9.25 -15.60
N LYS A 149 3.60 -9.02 -14.38
CA LYS A 149 2.18 -8.78 -14.17
C LYS A 149 1.80 -7.42 -14.77
N THR A 150 2.66 -6.41 -14.58
CA THR A 150 2.46 -5.10 -15.19
C THR A 150 2.35 -5.21 -16.72
N LEU A 151 3.21 -6.02 -17.32
CA LEU A 151 3.19 -6.23 -18.77
C LEU A 151 1.93 -6.97 -19.26
N LEU A 152 1.33 -7.78 -18.40
CA LEU A 152 0.10 -8.51 -18.78
C LEU A 152 -1.14 -7.60 -18.83
N LEU A 153 -1.17 -6.58 -17.97
CA LEU A 153 -2.18 -5.51 -18.07
C LEU A 153 -2.16 -4.90 -19.47
N LEU A 154 -0.96 -4.87 -20.06
CA LEU A 154 -0.72 -4.25 -21.36
C LEU A 154 -0.53 -5.29 -22.47
N SER A 155 -1.21 -6.43 -22.36
CA SER A 155 -0.98 -7.55 -23.28
C SER A 155 -1.97 -7.60 -24.45
N SER A 156 -3.00 -6.76 -24.42
CA SER A 156 -4.01 -6.75 -25.46
C SER A 156 -4.47 -5.32 -25.72
N VAL A 157 -4.72 -5.03 -27.00
CA VAL A 157 -5.30 -3.75 -27.42
C VAL A 157 -6.31 -4.04 -28.54
N PRO A 158 -7.25 -3.12 -28.78
CA PRO A 158 -8.22 -3.37 -29.84
C PRO A 158 -7.60 -3.19 -31.23
N LYS A 159 -8.07 -3.97 -32.21
CA LYS A 159 -7.51 -3.94 -33.56
C LYS A 159 -7.37 -2.52 -34.09
N ASP A 160 -8.49 -1.79 -34.11
CA ASP A 160 -8.50 -0.37 -34.45
C ASP A 160 -7.42 0.43 -33.71
N GLY A 161 -7.13 0.06 -32.47
CA GLY A 161 -6.07 0.68 -31.66
C GLY A 161 -6.64 1.49 -30.50
N LEU A 162 -5.77 1.93 -29.60
CA LEU A 162 -6.17 2.79 -28.48
C LEU A 162 -6.22 4.26 -28.89
N LYS A 163 -6.88 5.07 -28.06
CA LYS A 163 -6.91 6.51 -28.27
C LYS A 163 -5.57 7.12 -27.91
N SER A 164 -4.92 6.60 -26.88
CA SER A 164 -3.58 7.06 -26.49
C SER A 164 -2.52 6.03 -26.89
N GLN A 165 -2.61 5.53 -28.12
CA GLN A 165 -1.79 4.41 -28.59
C GLN A 165 -0.29 4.62 -28.42
N GLU A 166 0.20 5.83 -28.70
CA GLU A 166 1.63 6.12 -28.60
C GLU A 166 2.12 6.12 -27.16
N LEU A 167 1.34 6.74 -26.27
CA LEU A 167 1.66 6.74 -24.85
C LEU A 167 1.64 5.30 -24.30
N PHE A 168 0.77 4.47 -24.85
CA PHE A 168 0.70 3.06 -24.46
C PHE A 168 1.98 2.33 -24.87
N ASP A 169 2.44 2.53 -26.09
CA ASP A 169 3.66 1.90 -26.58
C ASP A 169 4.89 2.33 -25.78
N GLU A 170 4.91 3.57 -25.31
CA GLU A 170 6.01 4.05 -24.47
C GLU A 170 5.98 3.33 -23.13
N ILE A 171 4.80 3.31 -22.50
CA ILE A 171 4.58 2.65 -21.21
C ILE A 171 4.98 1.17 -21.28
N ARG A 172 4.49 0.47 -22.28
CA ARG A 172 4.79 -0.94 -22.43
C ARG A 172 6.30 -1.16 -22.55
N MET A 173 6.94 -0.39 -23.41
CA MET A 173 8.38 -0.51 -23.63
C MET A 173 9.17 -0.26 -22.37
N THR A 174 8.74 0.72 -21.59
CA THR A 174 9.36 1.01 -20.29
C THR A 174 9.34 -0.22 -19.38
N TYR A 175 8.21 -0.93 -19.35
CA TYR A 175 8.11 -2.12 -18.50
C TYR A 175 8.77 -3.35 -19.09
N ILE A 176 8.99 -3.36 -20.40
CA ILE A 176 9.85 -4.36 -21.01
C ILE A 176 11.28 -4.15 -20.53
N LYS A 177 11.72 -2.90 -20.56
CA LYS A 177 13.06 -2.55 -20.05
C LYS A 177 13.16 -2.81 -18.54
N GLU A 178 12.08 -2.53 -17.82
CA GLU A 178 12.07 -2.74 -16.37
C GLU A 178 12.18 -4.23 -16.05
N LEU A 179 11.55 -5.07 -16.85
CA LEU A 179 11.74 -6.52 -16.78
C LEU A 179 13.20 -6.88 -17.10
N GLY A 180 13.78 -6.21 -18.10
CA GLY A 180 15.20 -6.37 -18.43
C GLY A 180 16.10 -6.07 -17.24
N LYS A 181 15.88 -4.92 -16.61
CA LYS A 181 16.64 -4.54 -15.41
C LYS A 181 16.44 -5.51 -14.24
N ALA A 182 15.27 -6.13 -14.16
CA ALA A 182 15.01 -7.08 -13.09
C ALA A 182 15.90 -8.31 -13.24
N ILE A 183 15.98 -8.83 -14.45
CA ILE A 183 16.77 -10.02 -14.74
C ILE A 183 18.25 -9.82 -14.43
N VAL A 184 18.82 -8.71 -14.91
CA VAL A 184 20.23 -8.37 -14.67
C VAL A 184 20.54 -8.29 -13.18
N LYS A 185 19.62 -7.71 -12.42
CA LYS A 185 19.77 -7.54 -10.97
C LYS A 185 19.68 -8.87 -10.22
N ARG A 186 18.93 -9.83 -10.78
CA ARG A 186 18.76 -11.14 -10.15
C ARG A 186 20.11 -11.85 -9.97
N GLU A 187 20.24 -12.56 -8.84
CA GLU A 187 21.48 -13.28 -8.53
C GLU A 187 21.65 -14.48 -9.47
N GLY A 188 22.87 -14.69 -9.94
CA GLY A 188 23.17 -15.81 -10.82
C GLY A 188 24.12 -15.46 -11.94
N ASN A 189 24.05 -16.24 -13.01
CA ASN A 189 24.97 -16.12 -14.14
C ASN A 189 24.46 -15.06 -15.12
N SER A 190 25.15 -13.92 -15.17
CA SER A 190 24.79 -12.82 -16.07
C SER A 190 24.92 -13.20 -17.56
N SER A 191 25.67 -14.27 -17.83
CA SER A 191 25.78 -14.83 -19.17
C SER A 191 24.44 -15.39 -19.68
N GLN A 192 23.53 -15.67 -18.76
CA GLN A 192 22.23 -16.27 -19.07
C GLN A 192 21.12 -15.21 -19.27
N ASN A 193 21.43 -13.94 -19.03
CA ASN A 193 20.43 -12.89 -19.00
C ASN A 193 19.57 -12.80 -20.25
N TRP A 194 20.19 -12.76 -21.43
CA TRP A 194 19.43 -12.64 -22.68
C TRP A 194 18.57 -13.86 -22.95
N GLN A 195 19.07 -15.05 -22.62
CA GLN A 195 18.28 -16.27 -22.75
C GLN A 195 17.07 -16.22 -21.81
N ARG A 196 17.34 -15.85 -20.57
CA ARG A 196 16.30 -15.75 -19.55
C ARG A 196 15.22 -14.76 -19.99
N PHE A 197 15.66 -13.66 -20.61
CA PHE A 197 14.76 -12.64 -21.11
C PHE A 197 13.90 -13.20 -22.25
N TYR A 198 14.50 -14.02 -23.09
CA TYR A 198 13.77 -14.74 -24.12
C TYR A 198 12.73 -15.69 -23.48
N GLN A 199 13.18 -16.45 -22.48
CA GLN A 199 12.33 -17.42 -21.80
C GLN A 199 11.14 -16.78 -21.07
N LEU A 200 11.39 -15.70 -20.33
CA LEU A 200 10.35 -15.05 -19.56
C LEU A 200 9.28 -14.40 -20.46
N THR A 201 9.70 -13.83 -21.58
CA THR A 201 8.76 -13.23 -22.54
C THR A 201 8.00 -14.30 -23.32
N LYS A 202 8.61 -15.48 -23.47
CA LYS A 202 7.94 -16.61 -24.08
C LYS A 202 6.83 -17.14 -23.16
N LEU A 203 7.05 -17.05 -21.85
CA LEU A 203 6.02 -17.40 -20.87
C LEU A 203 4.84 -16.41 -20.92
N LEU A 204 5.13 -15.11 -21.06
CA LEU A 204 4.07 -14.11 -21.17
C LEU A 204 3.21 -14.35 -22.41
N ASP A 205 3.85 -14.74 -23.51
CA ASP A 205 3.13 -15.10 -24.74
C ASP A 205 2.20 -16.29 -24.49
N SER A 206 2.69 -17.27 -23.74
CA SER A 206 1.93 -18.48 -23.46
C SER A 206 0.69 -18.23 -22.57
N MET A 207 0.60 -17.04 -21.95
CA MET A 207 -0.56 -16.68 -21.12
C MET A 207 -1.81 -16.42 -21.95
N HIS A 208 -1.66 -16.03 -23.20
CA HIS A 208 -2.80 -15.86 -24.10
C HIS A 208 -3.61 -17.15 -24.21
N GLU A 209 -2.92 -18.28 -24.46
CA GLU A 209 -3.57 -19.58 -24.58
C GLU A 209 -4.22 -20.01 -23.26
N VAL A 210 -3.50 -19.82 -22.15
CA VAL A 210 -4.05 -20.09 -20.84
C VAL A 210 -5.35 -19.33 -20.63
N VAL A 211 -5.27 -18.01 -20.82
CA VAL A 211 -6.42 -17.13 -20.57
C VAL A 211 -7.59 -17.43 -21.53
N GLU A 212 -7.29 -17.66 -22.80
CA GLU A 212 -8.28 -18.05 -23.80
C GLU A 212 -9.10 -19.26 -23.31
N ASN A 213 -8.43 -20.23 -22.69
CA ASN A 213 -9.09 -21.38 -22.06
C ASN A 213 -9.99 -20.98 -20.90
N LEU A 214 -9.41 -20.23 -19.96
CA LEU A 214 -10.13 -19.77 -18.77
C LEU A 214 -11.35 -18.92 -19.10
N LEU A 215 -11.22 -18.04 -20.09
CA LEU A 215 -12.33 -17.18 -20.51
C LEU A 215 -13.45 -17.99 -21.14
N ASN A 216 -13.12 -18.94 -22.01
CA ASN A 216 -14.15 -19.76 -22.66
C ASN A 216 -14.98 -20.53 -21.62
N TYR A 217 -14.33 -21.01 -20.56
CA TYR A 217 -15.05 -21.64 -19.46
C TYR A 217 -15.92 -20.64 -18.72
N CYS A 218 -15.32 -19.52 -18.35
CA CYS A 218 -16.01 -18.47 -17.61
C CYS A 218 -17.25 -17.98 -18.35
N PHE A 219 -17.12 -17.78 -19.65
CA PHE A 219 -18.24 -17.30 -20.46
C PHE A 219 -19.32 -18.37 -20.61
N GLN A 220 -18.90 -19.59 -20.93
CA GLN A 220 -19.82 -20.72 -21.04
C GLN A 220 -20.62 -20.91 -19.75
N THR A 221 -19.94 -20.79 -18.60
CA THR A 221 -20.58 -20.83 -17.30
C THR A 221 -21.58 -19.69 -17.15
N PHE A 222 -21.17 -18.50 -17.58
CA PHE A 222 -22.01 -17.30 -17.49
C PHE A 222 -23.27 -17.42 -18.34
N LEU A 223 -23.12 -18.00 -19.52
CA LEU A 223 -24.22 -18.10 -20.50
C LEU A 223 -25.05 -19.38 -20.37
N ASP A 224 -24.71 -20.24 -19.42
CA ASP A 224 -25.47 -21.45 -19.18
C ASP A 224 -26.69 -21.12 -18.33
N LYS A 225 -27.88 -21.34 -18.88
CA LYS A 225 -29.14 -21.07 -18.18
C LYS A 225 -29.45 -22.16 -17.17
N THR A 226 -29.16 -23.41 -17.53
CA THR A 226 -29.33 -24.56 -16.64
C THR A 226 -28.32 -24.59 -15.49
N MET A 227 -27.27 -23.78 -15.59
CA MET A 227 -26.22 -23.71 -14.56
C MET A 227 -26.72 -23.01 -13.30
N SER A 228 -27.13 -21.75 -13.43
CA SER A 228 -27.62 -20.96 -12.29
C SER A 228 -26.57 -20.80 -11.17
N ILE A 229 -25.50 -20.06 -11.46
CA ILE A 229 -24.45 -19.73 -10.49
C ILE A 229 -24.30 -18.21 -10.40
N GLU A 230 -24.11 -17.71 -9.18
CA GLU A 230 -24.02 -16.26 -8.95
C GLU A 230 -22.67 -15.67 -9.33
N PHE A 231 -22.70 -14.56 -10.06
CA PHE A 231 -21.53 -13.73 -10.34
C PHE A 231 -21.69 -12.35 -9.70
N PRO A 232 -20.59 -11.75 -9.22
CA PRO A 232 -20.67 -10.36 -8.73
C PRO A 232 -20.88 -9.35 -9.87
N GLU A 233 -21.55 -8.24 -9.56
CA GLU A 233 -22.03 -7.28 -10.58
C GLU A 233 -20.92 -6.66 -11.40
N MET A 234 -19.97 -6.04 -10.70
CA MET A 234 -18.75 -5.53 -11.31
C MET A 234 -18.27 -6.48 -12.40
N LEU A 235 -18.02 -7.73 -12.01
CA LEU A 235 -17.47 -8.73 -12.93
C LEU A 235 -18.48 -9.16 -14.01
N ALA A 236 -19.77 -9.21 -13.65
CA ALA A 236 -20.82 -9.65 -14.58
C ALA A 236 -20.95 -8.73 -15.79
N GLU A 237 -20.82 -7.43 -15.58
CA GLU A 237 -20.89 -6.48 -16.70
C GLU A 237 -19.64 -6.56 -17.58
N ILE A 238 -18.48 -6.77 -16.96
CA ILE A 238 -17.25 -6.94 -17.70
C ILE A 238 -17.34 -8.16 -18.62
N ILE A 239 -17.97 -9.23 -18.12
CA ILE A 239 -18.21 -10.43 -18.92
C ILE A 239 -19.27 -10.19 -20.00
N THR A 240 -20.37 -9.54 -19.63
CA THR A 240 -21.42 -9.18 -20.58
C THR A 240 -20.89 -8.28 -21.70
N ASN A 241 -20.04 -7.32 -21.35
CA ASN A 241 -19.44 -6.41 -22.33
C ASN A 241 -18.44 -7.13 -23.24
N GLN A 242 -17.62 -8.02 -22.65
CA GLN A 242 -16.51 -8.65 -23.38
C GLN A 242 -16.88 -9.85 -24.24
N ILE A 243 -17.98 -10.52 -23.94
CA ILE A 243 -18.37 -11.72 -24.70
C ILE A 243 -18.55 -11.45 -26.20
N PRO A 244 -19.35 -10.44 -26.59
CA PRO A 244 -19.44 -10.04 -28.00
C PRO A 244 -18.10 -9.79 -28.70
N LYS A 245 -17.18 -9.14 -27.99
CA LYS A 245 -15.86 -8.82 -28.55
C LYS A 245 -15.05 -10.08 -28.87
N TYR A 246 -14.88 -10.94 -27.87
CA TYR A 246 -14.08 -12.17 -28.03
C TYR A 246 -14.65 -13.15 -29.06
N SER A 247 -15.93 -13.00 -29.41
CA SER A 247 -16.54 -13.77 -30.49
C SER A 247 -16.23 -13.15 -31.86
N ASN A 248 -16.45 -11.84 -31.98
CA ASN A 248 -16.30 -11.14 -33.27
C ASN A 248 -14.89 -11.23 -33.83
N GLY A 249 -13.94 -10.55 -33.18
CA GLY A 249 -12.55 -10.47 -33.63
C GLY A 249 -11.97 -9.07 -33.59
N ASN A 250 -12.26 -8.34 -32.51
CA ASN A 250 -11.89 -6.94 -32.34
C ASN A 250 -10.66 -6.75 -31.44
N ILE A 251 -10.12 -7.86 -30.92
CA ILE A 251 -8.97 -7.83 -29.99
C ILE A 251 -7.68 -8.27 -30.69
N LYS A 252 -6.59 -7.57 -30.38
CA LYS A 252 -5.27 -7.87 -30.92
C LYS A 252 -4.34 -8.28 -29.78
N LYS A 253 -3.90 -9.54 -29.79
CA LYS A 253 -3.01 -10.07 -28.77
C LYS A 253 -1.57 -9.68 -29.05
N LEU A 254 -0.97 -8.88 -28.18
CA LEU A 254 0.41 -8.45 -28.35
C LEU A 254 1.38 -9.59 -28.01
N LEU A 255 2.11 -10.04 -29.02
CA LEU A 255 3.10 -11.11 -28.85
C LEU A 255 4.50 -10.55 -28.75
N PHE A 256 5.33 -11.16 -27.90
CA PHE A 256 6.74 -10.82 -27.81
C PHE A 256 7.56 -11.50 -28.91
N HIS A 257 7.16 -12.72 -29.27
CA HIS A 257 7.83 -13.49 -30.32
C HIS A 257 6.80 -14.05 -31.30
N GLN A 258 6.88 -13.63 -32.55
CA GLN A 258 5.94 -14.11 -33.58
C GLN A 258 6.20 -15.59 -33.87
CA GLU B 2 -20.72 1.28 -20.51
C GLU B 2 -20.79 1.00 -19.02
N ASN B 3 -19.70 0.46 -18.47
CA ASN B 3 -19.66 0.02 -17.07
C ASN B 3 -19.37 1.19 -16.11
N ALA B 4 -20.44 1.76 -15.56
CA ALA B 4 -20.37 2.98 -14.77
C ALA B 4 -19.46 2.84 -13.56
N LEU B 5 -19.50 1.68 -12.90
CA LEU B 5 -18.72 1.46 -11.69
C LEU B 5 -17.24 1.35 -12.00
N LEU B 6 -16.91 0.59 -13.06
CA LEU B 6 -15.53 0.50 -13.52
C LEU B 6 -15.00 1.90 -13.77
N ARG B 7 -15.72 2.67 -14.59
CA ARG B 7 -15.35 4.07 -14.89
C ARG B 7 -15.15 4.89 -13.61
N TYR B 8 -16.08 4.74 -12.67
CA TYR B 8 -15.99 5.47 -11.40
C TYR B 8 -14.70 5.16 -10.66
N LEU B 9 -14.39 3.87 -10.49
CA LEU B 9 -13.21 3.46 -9.70
C LEU B 9 -11.90 3.95 -10.32
N LEU B 10 -11.83 3.95 -11.64
CA LEU B 10 -10.68 4.50 -12.34
C LEU B 10 -10.56 6.00 -12.08
N ASP B 11 -11.67 6.72 -12.24
CA ASP B 11 -11.68 8.18 -12.16
C ASP B 11 -11.68 8.73 -10.72
N LYS B 12 -12.26 7.99 -9.79
CA LYS B 12 -12.23 8.33 -8.35
C LYS B 12 -12.53 7.12 -7.47
N THR C 6 2.96 12.44 -18.70
CA THR C 6 3.27 11.26 -19.56
C THR C 6 4.69 10.75 -19.28
N LEU C 7 5.69 11.34 -19.94
CA LEU C 7 7.10 10.97 -19.77
C LEU C 7 7.63 11.22 -18.34
N PRO C 8 7.24 12.34 -17.70
CA PRO C 8 7.69 12.60 -16.32
C PRO C 8 7.18 11.59 -15.28
N GLN C 9 5.93 11.16 -15.45
CA GLN C 9 5.32 10.21 -14.51
C GLN C 9 6.00 8.84 -14.54
N LEU C 10 6.56 8.44 -15.68
CA LEU C 10 7.21 7.14 -15.83
C LEU C 10 8.54 7.03 -15.05
N THR C 11 9.17 8.16 -14.76
CA THR C 11 10.29 8.20 -13.80
C THR C 11 9.70 8.72 -12.49
N PRO C 12 9.33 7.79 -11.58
CA PRO C 12 8.47 8.12 -10.44
C PRO C 12 9.12 9.05 -9.41
N THR C 13 8.34 10.02 -8.93
CA THR C 13 8.82 10.99 -7.96
C THR C 13 8.90 10.34 -6.59
N LEU C 14 9.71 10.94 -5.73
CA LEU C 14 9.88 10.48 -4.36
C LEU C 14 8.59 10.71 -3.56
N VAL C 15 7.86 11.76 -3.90
CA VAL C 15 6.60 12.10 -3.22
C VAL C 15 5.45 11.17 -3.62
N SER C 16 5.46 10.67 -4.86
CA SER C 16 4.43 9.74 -5.33
C SER C 16 4.56 8.39 -4.63
N LEU C 17 5.80 8.05 -4.25
CA LEU C 17 6.08 6.88 -3.44
C LEU C 17 5.49 7.07 -2.04
N LEU C 18 5.69 8.25 -1.46
CA LEU C 18 5.16 8.55 -0.14
C LEU C 18 3.64 8.39 -0.08
N GLU C 19 2.94 8.82 -1.13
CA GLU C 19 1.49 8.66 -1.25
C GLU C 19 1.08 7.21 -1.13
N VAL C 20 1.80 6.34 -1.82
CA VAL C 20 1.43 4.93 -1.86
C VAL C 20 1.66 4.25 -0.51
N ILE C 21 2.77 4.58 0.15
CA ILE C 21 3.12 3.96 1.43
C ILE C 21 2.43 4.56 2.65
N GLU C 22 1.60 5.59 2.45
CA GLU C 22 0.90 6.25 3.54
C GLU C 22 -0.06 5.28 4.22
N PRO C 23 0.11 5.06 5.53
CA PRO C 23 -0.69 4.07 6.24
C PRO C 23 -2.20 4.21 6.05
N GLU C 24 -2.90 3.09 6.06
CA GLU C 24 -4.35 3.08 5.98
C GLU C 24 -4.93 3.66 7.26
N VAL C 25 -6.04 4.37 7.16
CA VAL C 25 -6.74 4.89 8.34
C VAL C 25 -7.39 3.73 9.08
N LEU C 26 -7.02 3.56 10.35
CA LEU C 26 -7.54 2.47 11.17
C LEU C 26 -8.82 2.90 11.89
N TYR C 27 -9.47 1.95 12.56
CA TYR C 27 -10.66 2.22 13.36
C TYR C 27 -10.37 1.97 14.83
N ALA C 28 -11.05 2.71 15.70
CA ALA C 28 -10.82 2.60 17.14
C ALA C 28 -11.56 1.39 17.75
N GLY C 29 -12.65 0.97 17.11
CA GLY C 29 -13.54 -0.03 17.69
C GLY C 29 -14.22 0.49 18.93
N TYR C 30 -14.67 1.74 18.88
CA TYR C 30 -15.28 2.40 20.02
C TYR C 30 -16.80 2.20 19.96
N ASP C 31 -17.37 1.71 21.06
CA ASP C 31 -18.82 1.47 21.10
C ASP C 31 -19.59 2.77 21.38
N SER C 32 -20.23 3.28 20.33
CA SER C 32 -21.06 4.50 20.43
C SER C 32 -22.30 4.35 21.33
N SER C 33 -22.90 3.15 21.33
CA SER C 33 -24.15 2.91 22.06
C SER C 33 -24.00 3.00 23.59
N VAL C 34 -22.81 2.71 24.11
CA VAL C 34 -22.56 2.94 25.54
C VAL C 34 -22.30 4.44 25.73
N PRO C 35 -22.71 5.00 26.89
CA PRO C 35 -22.35 6.39 27.20
C PRO C 35 -20.84 6.60 27.26
N ASP C 36 -20.39 7.79 26.83
CA ASP C 36 -18.96 8.12 26.83
C ASP C 36 -18.42 8.28 28.23
N SER C 37 -17.11 8.07 28.37
CA SER C 37 -16.38 8.48 29.56
C SER C 37 -14.92 8.76 29.17
N THR C 38 -14.19 9.41 30.07
CA THR C 38 -12.79 9.71 29.83
C THR C 38 -11.99 8.41 29.81
N TRP C 39 -12.17 7.61 30.86
CA TRP C 39 -11.48 6.32 31.01
C TRP C 39 -11.61 5.42 29.78
N ARG C 40 -12.80 5.39 29.17
CA ARG C 40 -13.04 4.52 28.03
C ARG C 40 -12.39 5.04 26.75
N ILE C 41 -12.31 6.36 26.61
CA ILE C 41 -11.63 6.97 25.47
C ILE C 41 -10.12 6.82 25.66
N MET C 42 -9.63 7.20 26.84
CA MET C 42 -8.22 6.97 27.23
C MET C 42 -7.74 5.57 26.84
N THR C 43 -8.44 4.56 27.34
CA THR C 43 -8.11 3.16 27.08
C THR C 43 -8.13 2.82 25.59
N THR C 44 -9.14 3.31 24.88
CA THR C 44 -9.27 3.04 23.44
C THR C 44 -8.20 3.76 22.60
N LEU C 45 -7.80 4.94 23.03
CA LEU C 45 -6.74 5.70 22.33
C LEU C 45 -5.35 5.10 22.58
N ASN C 46 -5.17 4.44 23.72
CA ASN C 46 -3.96 3.66 23.98
C ASN C 46 -3.84 2.50 23.02
N MET C 47 -4.92 1.76 22.85
CA MET C 47 -4.90 0.59 21.98
C MET C 47 -4.69 0.99 20.53
N LEU C 48 -5.42 2.02 20.10
CA LEU C 48 -5.30 2.54 18.73
C LEU C 48 -3.88 3.05 18.49
N GLY C 49 -3.34 3.75 19.47
CA GLY C 49 -1.97 4.26 19.40
C GLY C 49 -0.96 3.19 19.04
N GLY C 50 -1.01 2.07 19.75
CA GLY C 50 -0.12 0.95 19.51
C GLY C 50 -0.24 0.40 18.10
N ARG C 51 -1.47 0.36 17.58
CA ARG C 51 -1.69 -0.14 16.22
C ARG C 51 -1.18 0.87 15.20
N GLN C 52 -1.18 2.14 15.58
CA GLN C 52 -0.72 3.18 14.69
C GLN C 52 0.79 3.17 14.59
N VAL C 53 1.45 3.00 15.72
CA VAL C 53 2.90 2.87 15.80
C VAL C 53 3.41 1.65 14.98
N ILE C 54 2.64 0.56 14.99
CA ILE C 54 2.97 -0.60 14.17
C ILE C 54 2.80 -0.26 12.69
N ALA C 55 1.77 0.51 12.36
CA ALA C 55 1.58 0.98 10.98
C ALA C 55 2.71 1.92 10.59
N ALA C 56 3.15 2.71 11.57
CA ALA C 56 4.30 3.59 11.39
C ALA C 56 5.56 2.81 11.05
N VAL C 57 5.79 1.68 11.74
CA VAL C 57 6.99 0.88 11.50
C VAL C 57 6.99 0.35 10.06
N LYS C 58 5.88 -0.23 9.61
CA LYS C 58 5.74 -0.67 8.23
C LYS C 58 5.94 0.50 7.25
N TRP C 59 5.44 1.67 7.62
CA TRP C 59 5.60 2.86 6.80
C TRP C 59 7.07 3.24 6.67
N ALA C 60 7.75 3.34 7.81
CA ALA C 60 9.14 3.75 7.84
C ALA C 60 10.05 2.84 7.01
N LYS C 61 9.84 1.53 7.12
CA LYS C 61 10.61 0.56 6.32
C LYS C 61 10.59 0.89 4.84
N ALA C 62 9.42 1.30 4.34
CA ALA C 62 9.21 1.55 2.91
C ALA C 62 9.67 2.93 2.46
N ILE C 63 10.19 3.75 3.37
CA ILE C 63 10.78 5.03 3.01
C ILE C 63 12.15 4.77 2.39
N PRO C 64 12.36 5.17 1.13
CA PRO C 64 13.65 4.95 0.49
C PRO C 64 14.83 5.40 1.37
N GLY C 65 15.76 4.48 1.62
CA GLY C 65 16.96 4.79 2.39
C GLY C 65 16.87 4.50 3.88
N PHE C 66 15.66 4.29 4.40
CA PHE C 66 15.49 4.02 5.82
C PHE C 66 16.03 2.63 6.15
N ARG C 67 15.65 1.64 5.34
CA ARG C 67 16.11 0.25 5.51
C ARG C 67 17.63 0.16 5.63
N ASN C 68 18.34 0.91 4.78
CA ASN C 68 19.81 0.89 4.73
C ASN C 68 20.51 1.53 5.95
N LEU C 69 19.76 2.18 6.84
CA LEU C 69 20.32 2.62 8.12
C LEU C 69 20.60 1.41 8.99
N HIS C 70 21.47 1.57 9.97
CA HIS C 70 21.70 0.50 10.93
C HIS C 70 20.40 0.24 11.70
N LEU C 71 20.20 -1.01 12.08
CA LEU C 71 18.95 -1.43 12.71
C LEU C 71 18.70 -0.66 14.01
N ASP C 72 19.75 -0.47 14.80
CA ASP C 72 19.64 0.29 16.05
C ASP C 72 19.20 1.73 15.81
N ASP C 73 19.62 2.31 14.69
CA ASP C 73 19.22 3.68 14.35
C ASP C 73 17.74 3.74 14.01
N GLN C 74 17.29 2.80 13.16
CA GLN C 74 15.88 2.72 12.79
C GLN C 74 14.98 2.65 14.02
N MET C 75 15.42 1.86 15.02
CA MET C 75 14.68 1.72 16.27
C MET C 75 14.68 3.02 17.06
N THR C 76 15.85 3.66 17.14
CA THR C 76 15.99 4.93 17.82
C THR C 76 15.10 6.02 17.22
N LEU C 77 15.08 6.11 15.89
CA LEU C 77 14.28 7.12 15.21
C LEU C 77 12.79 6.90 15.49
N LEU C 78 12.33 5.66 15.39
CA LEU C 78 10.93 5.36 15.67
C LEU C 78 10.59 5.61 17.15
N GLN C 79 11.44 5.13 18.04
CA GLN C 79 11.31 5.39 19.48
C GLN C 79 11.18 6.89 19.80
N TYR C 80 12.01 7.68 19.14
CA TYR C 80 12.05 9.13 19.36
C TYR C 80 10.88 9.87 18.73
N SER C 81 10.33 9.34 17.62
CA SER C 81 9.45 10.11 16.76
C SER C 81 7.98 9.66 16.73
N TRP C 82 7.64 8.56 17.40
CA TRP C 82 6.28 8.02 17.29
C TRP C 82 5.19 9.07 17.61
N MET C 83 5.37 9.83 18.68
CA MET C 83 4.35 10.81 19.08
C MET C 83 4.30 12.00 18.09
N TYR C 84 5.43 12.31 17.47
CA TYR C 84 5.47 13.32 16.41
C TYR C 84 4.59 12.88 15.25
N LEU C 85 4.81 11.65 14.78
CA LEU C 85 4.07 11.11 13.64
C LEU C 85 2.58 11.06 13.90
N MET C 86 2.22 10.70 15.14
CA MET C 86 0.82 10.55 15.52
C MET C 86 0.12 11.89 15.69
N ALA C 87 0.80 12.83 16.35
CA ALA C 87 0.29 14.19 16.49
C ALA C 87 0.05 14.82 15.12
N PHE C 88 1.01 14.64 14.22
CA PHE C 88 0.94 15.27 12.90
C PHE C 88 -0.13 14.61 12.02
N ALA C 89 -0.20 13.28 12.05
CA ALA C 89 -1.19 12.55 11.25
C ALA C 89 -2.61 12.88 11.70
N LEU C 90 -2.76 13.05 13.01
CA LEU C 90 -4.03 13.43 13.62
C LEU C 90 -4.44 14.85 13.22
N GLY C 91 -3.52 15.80 13.39
CA GLY C 91 -3.77 17.18 13.01
C GLY C 91 -4.27 17.23 11.57
N TRP C 92 -3.58 16.50 10.69
CA TRP C 92 -3.94 16.48 9.29
C TRP C 92 -5.32 15.89 9.08
N ARG C 93 -5.57 14.75 9.71
CA ARG C 93 -6.85 14.07 9.60
C ARG C 93 -8.01 14.92 10.12
N SER C 94 -7.77 15.67 11.18
CA SER C 94 -8.76 16.59 11.75
C SER C 94 -9.03 17.78 10.86
N TYR C 95 -7.96 18.43 10.42
CA TYR C 95 -8.04 19.54 9.47
C TYR C 95 -8.83 19.15 8.22
N ARG C 96 -8.54 17.96 7.70
CA ARG C 96 -9.13 17.50 6.44
C ARG C 96 -10.63 17.16 6.53
N GLN C 97 -11.16 17.00 7.74
CA GLN C 97 -12.57 16.63 7.93
C GLN C 97 -13.26 17.58 8.92
N SER C 98 -13.70 18.73 8.40
CA SER C 98 -14.29 19.81 9.21
C SER C 98 -13.21 20.49 10.05
N ALA C 100 -14.88 22.27 11.85
CA ALA C 100 -14.69 22.84 13.18
C ALA C 100 -13.44 22.27 13.89
N ASN C 101 -13.23 22.70 15.14
CA ASN C 101 -12.14 22.20 15.99
C ASN C 101 -12.41 20.79 16.53
N LEU C 102 -12.33 19.77 15.66
CA LEU C 102 -12.63 18.39 16.06
C LEU C 102 -11.43 17.48 15.78
N LEU C 103 -10.96 16.77 16.81
CA LEU C 103 -9.92 15.76 16.63
C LEU C 103 -10.52 14.47 16.09
N CYS C 104 -10.15 14.08 14.87
CA CYS C 104 -10.63 12.84 14.24
C CYS C 104 -9.63 11.70 14.39
N PHE C 105 -9.62 11.04 15.55
CA PHE C 105 -8.69 9.93 15.79
C PHE C 105 -8.92 8.76 14.84
N ALA C 106 -10.19 8.43 14.62
CA ALA C 106 -10.60 7.44 13.64
C ALA C 106 -12.02 7.79 13.24
N PRO C 107 -12.52 7.22 12.13
CA PRO C 107 -13.88 7.56 11.72
C PRO C 107 -14.96 7.17 12.76
N ASP C 108 -14.68 6.16 13.57
CA ASP C 108 -15.59 5.73 14.64
C ASP C 108 -15.22 6.32 16.01
N LEU C 109 -14.35 7.33 16.04
CA LEU C 109 -14.02 8.03 17.28
C LEU C 109 -13.51 9.44 16.99
N ILE C 110 -14.45 10.38 16.97
CA ILE C 110 -14.17 11.80 16.82
C ILE C 110 -14.40 12.46 18.17
N ILE C 111 -13.53 13.38 18.56
CA ILE C 111 -13.78 14.15 19.77
C ILE C 111 -14.58 15.40 19.38
N ASN C 112 -15.90 15.21 19.31
CA ASN C 112 -16.84 16.28 18.96
C ASN C 112 -16.94 17.34 20.07
N GLU C 113 -17.71 18.39 19.81
CA GLU C 113 -17.90 19.48 20.77
C GLU C 113 -18.30 18.99 22.15
N GLN C 114 -19.20 18.01 22.19
CA GLN C 114 -19.70 17.48 23.46
C GLN C 114 -18.62 16.70 24.21
N ARG C 115 -18.02 15.74 23.51
CA ARG C 115 -16.92 14.95 24.10
C ARG C 115 -15.77 15.82 24.59
N MET C 116 -15.54 16.95 23.92
CA MET C 116 -14.45 17.87 24.30
C MET C 116 -14.56 18.38 25.74
N THR C 117 -15.79 18.49 26.24
CA THR C 117 -16.02 18.99 27.60
C THR C 117 -15.97 17.89 28.65
N LEU C 118 -15.71 16.64 28.24
CA LEU C 118 -15.48 15.56 29.22
C LEU C 118 -14.29 15.90 30.10
N PRO C 119 -14.24 15.36 31.33
CA PRO C 119 -13.18 15.75 32.26
C PRO C 119 -11.79 15.54 31.68
N GLY C 120 -10.94 16.57 31.75
CA GLY C 120 -9.54 16.46 31.34
C GLY C 120 -9.30 16.51 29.83
N MET C 121 -10.34 16.27 29.04
CA MET C 121 -10.20 16.08 27.59
C MET C 121 -9.51 17.26 26.91
N TYR C 122 -10.00 18.47 27.15
CA TYR C 122 -9.44 19.67 26.51
C TYR C 122 -7.99 19.93 26.90
N ASP C 123 -7.67 19.69 28.17
CA ASP C 123 -6.32 19.92 28.70
C ASP C 123 -5.24 19.22 27.86
N GLN C 124 -5.54 18.04 27.34
CA GLN C 124 -4.63 17.32 26.46
C GLN C 124 -4.93 17.59 24.99
N CYS C 125 -6.22 17.59 24.63
CA CYS C 125 -6.62 17.81 23.24
C CYS C 125 -6.20 19.16 22.67
N LYS C 126 -6.01 20.16 23.53
CA LYS C 126 -5.63 21.49 23.06
C LYS C 126 -4.34 21.48 22.25
N HIS C 127 -3.39 20.62 22.65
CA HIS C 127 -2.09 20.54 21.97
C HIS C 127 -2.20 19.98 20.58
N MET C 128 -3.02 18.95 20.42
CA MET C 128 -3.27 18.39 19.10
C MET C 128 -4.10 19.35 18.25
N LEU C 129 -4.99 20.11 18.89
CA LEU C 129 -5.83 21.08 18.18
C LEU C 129 -5.01 22.20 17.56
N TYR C 130 -3.94 22.61 18.25
CA TYR C 130 -3.03 23.62 17.74
C TYR C 130 -2.47 23.18 16.38
N VAL C 131 -2.03 21.92 16.30
CA VAL C 131 -1.50 21.36 15.06
C VAL C 131 -2.57 21.38 13.97
N SER C 132 -3.82 21.10 14.32
CA SER C 132 -4.91 21.13 13.35
C SER C 132 -5.14 22.53 12.78
N SER C 133 -5.08 23.53 13.64
CA SER C 133 -5.40 24.90 13.23
C SER C 133 -4.27 25.53 12.42
N GLU C 134 -3.02 25.24 12.80
CA GLU C 134 -1.84 25.66 12.04
C GLU C 134 -1.84 25.12 10.62
N LEU C 135 -2.19 23.84 10.48
CA LEU C 135 -2.30 23.20 9.17
C LEU C 135 -3.40 23.88 8.36
N HIS C 136 -4.52 24.17 9.00
CA HIS C 136 -5.62 24.90 8.39
C HIS C 136 -5.20 26.33 8.03
N ARG C 137 -4.63 27.03 9.00
CA ARG C 137 -4.15 28.38 8.78
C ARG C 137 -3.34 28.45 7.49
N LEU C 138 -2.32 27.60 7.42
CA LEU C 138 -1.35 27.60 6.32
C LEU C 138 -1.84 26.86 5.08
N GLN C 139 -3.00 26.21 5.17
CA GLN C 139 -3.60 25.49 4.03
C GLN C 139 -2.57 24.57 3.38
N VAL C 140 -1.97 23.71 4.19
CA VAL C 140 -0.98 22.74 3.73
C VAL C 140 -1.62 21.79 2.72
N SER C 141 -0.87 21.42 1.69
CA SER C 141 -1.35 20.44 0.71
C SER C 141 -0.96 19.02 1.11
N TYR C 142 -1.66 18.03 0.55
CA TYR C 142 -1.38 16.63 0.86
C TYR C 142 0.11 16.34 0.68
N GLU C 143 0.67 16.74 -0.45
CA GLU C 143 2.07 16.45 -0.76
C GLU C 143 3.05 17.15 0.21
N GLU C 144 2.74 18.40 0.58
CA GLU C 144 3.52 19.08 1.60
C GLU C 144 3.52 18.29 2.91
N TYR C 145 2.33 17.81 3.29
CA TYR C 145 2.18 17.00 4.53
C TYR C 145 2.99 15.70 4.48
N LEU C 146 2.94 15.01 3.34
CA LEU C 146 3.70 13.76 3.19
C LEU C 146 5.21 13.98 3.42
N CYS C 147 5.73 15.11 2.94
CA CYS C 147 7.15 15.45 3.16
C CYS C 147 7.40 15.84 4.60
N MET C 148 6.55 16.70 5.13
CA MET C 148 6.64 17.14 6.51
C MET C 148 6.61 15.98 7.52
N LYS C 149 5.73 15.01 7.31
CA LYS C 149 5.64 13.85 8.21
C LYS C 149 6.92 13.00 8.15
N THR C 150 7.44 12.80 6.94
CA THR C 150 8.72 12.11 6.75
C THR C 150 9.83 12.81 7.54
N LEU C 151 9.91 14.13 7.39
CA LEU C 151 10.88 14.92 8.15
C LEU C 151 10.69 14.81 9.67
N LEU C 152 9.47 14.55 10.13
CA LEU C 152 9.21 14.38 11.57
C LEU C 152 9.81 13.09 12.11
N LEU C 153 9.83 12.04 11.29
CA LEU C 153 10.52 10.81 11.63
C LEU C 153 12.00 11.09 11.90
N LEU C 154 12.54 12.09 11.21
CA LEU C 154 13.96 12.44 11.26
C LEU C 154 14.21 13.73 12.07
N SER C 155 13.37 13.99 13.08
CA SER C 155 13.40 15.27 13.80
C SER C 155 14.24 15.24 15.08
N SER C 156 14.60 14.04 15.53
CA SER C 156 15.34 13.89 16.77
C SER C 156 16.38 12.79 16.62
N VAL C 157 17.59 13.07 17.09
CA VAL C 157 18.69 12.11 17.07
C VAL C 157 19.36 12.11 18.43
N PRO C 158 20.12 11.04 18.76
CA PRO C 158 20.86 11.03 20.02
C PRO C 158 21.94 12.11 20.06
N LYS C 159 22.22 12.64 21.24
CA LYS C 159 23.30 13.63 21.41
C LYS C 159 24.64 13.09 20.91
N ASP C 160 24.91 11.81 21.16
CA ASP C 160 26.13 11.15 20.69
C ASP C 160 26.12 10.90 19.17
N GLY C 161 24.93 10.84 18.57
CA GLY C 161 24.80 10.68 17.12
C GLY C 161 24.40 9.26 16.74
N LEU C 162 23.83 9.10 15.55
CA LEU C 162 23.50 7.77 15.02
C LEU C 162 24.75 7.00 14.63
N LYS C 163 24.61 5.69 14.49
CA LYS C 163 25.70 4.86 13.98
C LYS C 163 25.88 5.10 12.47
N SER C 164 24.78 5.33 11.77
CA SER C 164 24.81 5.69 10.35
C SER C 164 24.50 7.17 10.17
N GLN C 165 25.11 8.02 10.99
CA GLN C 165 24.82 9.47 10.96
C GLN C 165 24.89 10.06 9.56
N GLU C 166 25.90 9.67 8.79
CA GLU C 166 26.08 10.16 7.42
C GLU C 166 24.86 9.88 6.54
N LEU C 167 24.41 8.62 6.54
CA LEU C 167 23.24 8.23 5.75
C LEU C 167 21.99 8.96 6.25
N PHE C 168 21.93 9.19 7.56
CA PHE C 168 20.82 9.93 8.15
C PHE C 168 20.77 11.35 7.60
N ASP C 169 21.92 12.03 7.60
CA ASP C 169 22.03 13.39 7.05
C ASP C 169 21.62 13.44 5.59
N GLU C 170 22.04 12.45 4.81
CA GLU C 170 21.68 12.38 3.38
C GLU C 170 20.18 12.26 3.19
N ILE C 171 19.55 11.40 3.99
CA ILE C 171 18.11 11.15 3.91
C ILE C 171 17.32 12.39 4.33
N ARG C 172 17.72 12.97 5.44
CA ARG C 172 17.08 14.19 5.92
C ARG C 172 17.08 15.27 4.85
N MET C 173 18.24 15.52 4.26
CA MET C 173 18.39 16.54 3.24
C MET C 173 17.58 16.24 1.98
N THR C 174 17.45 14.96 1.63
CA THR C 174 16.61 14.58 0.50
C THR C 174 15.16 15.05 0.69
N TYR C 175 14.64 14.85 1.90
CA TYR C 175 13.25 15.23 2.21
C TYR C 175 13.08 16.69 2.56
N ILE C 176 14.15 17.36 3.00
CA ILE C 176 14.15 18.82 3.03
C ILE C 176 13.99 19.35 1.60
N LYS C 177 14.74 18.77 0.66
CA LYS C 177 14.62 19.14 -0.75
C LYS C 177 13.28 18.75 -1.37
N GLU C 178 12.70 17.65 -0.89
CA GLU C 178 11.42 17.16 -1.42
C GLU C 178 10.24 18.03 -0.95
N LEU C 179 10.33 18.56 0.27
CA LEU C 179 9.34 19.55 0.75
C LEU C 179 9.36 20.78 -0.15
N GLY C 180 10.55 21.31 -0.39
CA GLY C 180 10.75 22.44 -1.31
C GLY C 180 10.11 22.23 -2.67
N LYS C 181 10.25 21.03 -3.23
CA LYS C 181 9.59 20.69 -4.49
C LYS C 181 8.06 20.72 -4.38
N ALA C 182 7.51 20.30 -3.24
CA ALA C 182 6.07 20.27 -3.08
C ALA C 182 5.51 21.68 -3.03
N ILE C 183 6.27 22.60 -2.44
CA ILE C 183 5.88 24.00 -2.34
C ILE C 183 5.96 24.69 -3.70
N VAL C 184 6.96 24.33 -4.49
CA VAL C 184 7.11 24.88 -5.84
C VAL C 184 5.95 24.44 -6.74
N LYS C 185 5.59 23.15 -6.68
CA LYS C 185 4.45 22.63 -7.45
C LYS C 185 3.16 23.34 -7.07
N ARG C 186 2.99 23.57 -5.77
CA ARG C 186 1.77 24.16 -5.25
C ARG C 186 1.65 25.60 -5.72
N GLU C 187 2.60 26.44 -5.31
CA GLU C 187 2.57 27.87 -5.60
C GLU C 187 2.91 28.20 -7.06
N ASN C 189 4.10 30.95 -7.98
CA ASN C 189 3.92 31.99 -6.96
C ASN C 189 5.21 32.22 -6.19
N SER C 191 9.11 34.69 -4.33
CA SER C 191 9.36 35.13 -2.95
C SER C 191 8.48 34.35 -1.96
N GLN C 192 7.26 34.02 -2.39
CA GLN C 192 6.30 33.30 -1.55
C GLN C 192 6.79 31.90 -1.22
N ASN C 193 7.48 31.27 -2.16
CA ASN C 193 8.01 29.92 -1.96
C ASN C 193 8.94 29.85 -0.75
N TRP C 194 9.87 30.79 -0.64
CA TRP C 194 10.78 30.80 0.50
C TRP C 194 10.10 31.24 1.78
N GLN C 195 9.16 32.19 1.67
CA GLN C 195 8.32 32.59 2.81
C GLN C 195 7.51 31.40 3.33
N ARG C 196 7.00 30.60 2.41
CA ARG C 196 6.19 29.44 2.76
C ARG C 196 7.03 28.34 3.37
N PHE C 197 8.19 28.09 2.77
CA PHE C 197 9.17 27.16 3.31
C PHE C 197 9.51 27.52 4.75
N TYR C 198 9.67 28.82 4.99
CA TYR C 198 9.95 29.29 6.35
C TYR C 198 8.80 28.93 7.29
N GLN C 199 7.56 29.21 6.87
CA GLN C 199 6.37 28.96 7.68
C GLN C 199 6.17 27.47 7.99
N LEU C 200 6.39 26.62 6.99
CA LEU C 200 6.22 25.17 7.17
C LEU C 200 7.30 24.58 8.06
N THR C 201 8.56 24.96 7.84
CA THR C 201 9.66 24.48 8.68
C THR C 201 9.54 25.04 10.10
N LYS C 202 8.86 26.18 10.24
CA LYS C 202 8.53 26.74 11.54
C LYS C 202 7.54 25.82 12.24
N LEU C 203 6.53 25.35 11.51
CA LEU C 203 5.54 24.43 12.06
C LEU C 203 6.21 23.14 12.53
N LEU C 204 7.11 22.60 11.71
CA LEU C 204 7.87 21.43 12.12
C LEU C 204 8.58 21.67 13.45
N ASP C 205 9.26 22.81 13.57
CA ASP C 205 9.98 23.14 14.78
C ASP C 205 9.05 23.17 16.00
N SER C 206 7.84 23.69 15.83
CA SER C 206 6.91 23.81 16.96
C SER C 206 6.31 22.47 17.41
N MET C 207 6.48 21.42 16.59
CA MET C 207 6.06 20.08 16.96
C MET C 207 6.83 19.51 18.16
N HIS C 208 8.05 19.98 18.38
CA HIS C 208 8.81 19.57 19.56
C HIS C 208 8.02 19.90 20.83
N GLU C 209 7.51 21.12 20.90
CA GLU C 209 6.80 21.60 22.08
C GLU C 209 5.46 20.89 22.25
N VAL C 210 4.78 20.66 21.13
CA VAL C 210 3.56 19.87 21.13
C VAL C 210 3.83 18.49 21.70
N VAL C 211 4.81 17.79 21.12
CA VAL C 211 5.10 16.42 21.51
C VAL C 211 5.54 16.34 22.97
N GLU C 212 6.36 17.28 23.40
CA GLU C 212 6.84 17.31 24.78
C GLU C 212 5.69 17.30 25.78
N ASN C 213 4.63 18.05 25.49
CA ASN C 213 3.44 18.08 26.35
C ASN C 213 2.72 16.74 26.36
N LEU C 214 2.44 16.21 25.17
CA LEU C 214 1.77 14.92 25.01
C LEU C 214 2.53 13.75 25.63
N LEU C 215 3.86 13.82 25.60
CA LEU C 215 4.70 12.79 26.22
C LEU C 215 4.66 12.87 27.73
N ASN C 216 4.81 14.09 28.27
CA ASN C 216 4.68 14.27 29.72
C ASN C 216 3.36 13.71 30.25
N TYR C 217 2.28 13.87 29.49
CA TYR C 217 1.00 13.28 29.86
C TYR C 217 1.02 11.77 29.75
N CYS C 218 1.54 11.27 28.64
CA CYS C 218 1.60 9.83 28.37
C CYS C 218 2.41 9.09 29.44
N PHE C 219 3.60 9.63 29.71
CA PHE C 219 4.50 9.06 30.71
C PHE C 219 3.92 9.17 32.12
N GLN C 220 3.30 10.30 32.42
CA GLN C 220 2.66 10.51 33.73
C GLN C 220 1.51 9.51 33.92
N THR C 221 0.66 9.35 32.91
CA THR C 221 -0.43 8.40 32.98
C THR C 221 0.11 6.97 33.11
N PHE C 222 1.17 6.68 32.37
CA PHE C 222 1.82 5.37 32.44
C PHE C 222 2.40 5.08 33.83
N LEU C 223 3.02 6.09 34.43
CA LEU C 223 3.68 5.92 35.72
C LEU C 223 2.73 6.09 36.91
N ASP C 224 1.48 6.46 36.65
CA ASP C 224 0.51 6.64 37.72
C ASP C 224 0.06 5.29 38.26
N LYS C 225 0.33 5.05 39.55
CA LYS C 225 -0.01 3.79 40.20
C LYS C 225 -1.50 3.71 40.55
N THR C 226 -2.10 4.87 40.81
CA THR C 226 -3.51 4.95 41.22
C THR C 226 -4.49 4.77 40.05
N MET C 227 -3.98 4.83 38.82
CA MET C 227 -4.77 4.60 37.61
C MET C 227 -4.47 3.22 37.03
N SER C 228 -5.53 2.47 36.72
CA SER C 228 -5.40 1.17 36.06
C SER C 228 -5.61 1.33 34.55
N ILE C 229 -4.75 2.13 33.91
CA ILE C 229 -4.85 2.41 32.47
C ILE C 229 -4.00 1.43 31.69
N GLU C 230 -4.65 0.63 30.85
CA GLU C 230 -3.97 -0.39 30.04
C GLU C 230 -3.37 0.21 28.78
N PHE C 231 -2.08 -0.06 28.58
CA PHE C 231 -1.38 0.26 27.33
C PHE C 231 -1.02 -1.04 26.61
N PRO C 232 -0.97 -1.01 25.26
CA PRO C 232 -0.51 -2.19 24.55
C PRO C 232 1.00 -2.40 24.72
N GLU C 233 1.46 -3.62 24.48
CA GLU C 233 2.84 -3.99 24.77
C GLU C 233 3.84 -3.22 23.92
N MET C 234 3.54 -3.09 22.63
CA MET C 234 4.38 -2.32 21.71
C MET C 234 4.70 -0.95 22.31
N LEU C 235 3.67 -0.20 22.73
CA LEU C 235 3.87 1.11 23.35
C LEU C 235 4.51 1.04 24.74
N ALA C 236 4.14 0.03 25.52
CA ALA C 236 4.66 -0.12 26.88
C ALA C 236 6.19 -0.27 26.87
N GLU C 237 6.68 -1.14 26.02
CA GLU C 237 8.13 -1.32 25.86
C GLU C 237 8.77 -0.01 25.39
N ILE C 238 8.18 0.62 24.38
CA ILE C 238 8.68 1.88 23.82
C ILE C 238 8.66 2.99 24.87
N ILE C 239 7.61 3.02 25.68
CA ILE C 239 7.49 4.02 26.76
C ILE C 239 8.51 3.73 27.87
N THR C 240 8.53 2.50 28.36
CA THR C 240 9.48 2.09 29.40
C THR C 240 10.94 2.39 29.03
N ASN C 241 11.29 2.12 27.78
CA ASN C 241 12.63 2.42 27.29
C ASN C 241 12.92 3.92 27.25
N GLN C 242 11.91 4.70 26.86
CA GLN C 242 12.12 6.13 26.58
C GLN C 242 12.08 7.04 27.81
N ILE C 243 11.34 6.66 28.84
CA ILE C 243 11.15 7.51 30.04
C ILE C 243 12.45 8.12 30.60
N PRO C 244 13.51 7.30 30.79
CA PRO C 244 14.73 7.85 31.42
C PRO C 244 15.51 8.78 30.50
N LYS C 245 15.44 8.53 29.20
CA LYS C 245 16.23 9.26 28.20
C LYS C 245 15.92 10.75 28.15
N TYR C 246 14.67 11.12 28.41
CA TYR C 246 14.26 12.52 28.42
C TYR C 246 14.82 13.24 29.65
N SER C 247 14.94 12.50 30.76
CA SER C 247 15.58 13.01 31.98
C SER C 247 17.09 13.16 31.80
N ASN C 248 17.71 12.15 31.17
CA ASN C 248 19.15 12.15 30.90
C ASN C 248 19.59 13.25 29.92
N GLY C 249 18.67 13.74 29.09
CA GLY C 249 19.00 14.74 28.08
C GLY C 249 19.88 14.15 26.99
N ASN C 250 19.57 12.92 26.59
CA ASN C 250 20.31 12.22 25.54
C ASN C 250 19.75 12.47 24.13
N ILE C 251 18.72 13.32 24.02
CA ILE C 251 18.02 13.56 22.76
C ILE C 251 18.30 14.93 22.18
N LYS C 252 18.84 14.97 20.96
CA LYS C 252 19.04 16.23 20.23
C LYS C 252 17.87 16.49 19.27
N LYS C 253 17.22 17.62 19.45
CA LYS C 253 16.09 18.01 18.60
C LYS C 253 16.59 18.89 17.45
N LEU C 254 16.47 18.39 16.23
CA LEU C 254 16.93 19.12 15.05
C LEU C 254 15.95 20.25 14.68
N LEU C 255 16.45 21.48 14.70
CA LEU C 255 15.65 22.66 14.41
C LEU C 255 16.04 23.26 13.07
N PHE C 256 15.05 23.62 12.26
CA PHE C 256 15.30 24.37 11.05
C PHE C 256 15.61 25.82 11.38
N HIS C 257 15.11 26.31 12.51
CA HIS C 257 15.31 27.70 12.92
C HIS C 257 15.82 27.75 14.35
N GLN C 258 16.98 28.36 14.53
CA GLN C 258 17.72 28.28 15.79
C GLN C 258 17.14 29.21 16.84
N LYS D 1 16.33 -2.69 28.76
CA LYS D 1 16.16 -3.73 27.70
C LYS D 1 16.08 -3.11 26.29
N GLU D 2 15.97 -3.98 25.28
CA GLU D 2 15.77 -3.57 23.89
C GLU D 2 14.53 -4.27 23.36
N ASN D 3 13.49 -3.49 23.05
CA ASN D 3 12.20 -4.06 22.64
C ASN D 3 12.34 -4.97 21.41
N ALA D 4 12.18 -6.26 21.62
CA ALA D 4 12.42 -7.26 20.59
C ALA D 4 11.36 -7.29 19.48
N LEU D 5 10.17 -6.80 19.76
CA LEU D 5 9.09 -6.79 18.77
C LEU D 5 9.33 -5.74 17.68
N LEU D 6 9.67 -4.52 18.11
CA LEU D 6 10.01 -3.45 17.19
C LEU D 6 11.14 -3.92 16.26
N ARG D 7 12.25 -4.36 16.86
CA ARG D 7 13.40 -4.89 16.11
C ARG D 7 12.94 -5.92 15.07
N TYR D 8 12.18 -6.91 15.53
CA TYR D 8 11.61 -7.91 14.64
C TYR D 8 10.81 -7.25 13.51
N LEU D 9 9.96 -6.29 13.86
CA LEU D 9 9.11 -5.60 12.88
C LEU D 9 9.92 -4.81 11.85
N LEU D 10 10.97 -4.14 12.32
CA LEU D 10 11.90 -3.45 11.42
C LEU D 10 12.72 -4.45 10.61
N ASP D 11 13.20 -5.50 11.27
CA ASP D 11 14.12 -6.45 10.63
C ASP D 11 13.41 -7.44 9.71
N LYS D 12 12.11 -7.68 9.95
CA LYS D 12 11.28 -8.56 9.10
C LYS D 12 11.79 -8.62 7.68
#